data_3TDI
#
_entry.id   3TDI
#
_cell.length_a   72.906
_cell.length_b   98.421
_cell.length_c   143.923
_cell.angle_alpha   90.00
_cell.angle_beta   90.00
_cell.angle_gamma   90.00
#
_symmetry.space_group_name_H-M   'C 2 2 21'
#
loop_
_entity.id
_entity.type
_entity.pdbx_description
1 polymer 'Defective in cullin neddylation protein 1'
2 polymer 'NEDD8-conjugating enzyme UBC12'
3 water water
#
loop_
_entity_poly.entity_id
_entity_poly.type
_entity_poly.pdbx_seq_one_letter_code
_entity_poly.pdbx_strand_id
1 'polypeptide(L)'
;GSVYPKELTQVFEHYINNNLFDIDSLVKFIEELGYNLEDLATLCLAHLLGYKKLEEPLKREDFLSTWFMQGCSTISDMQE
CIKTLDVKLHEDLQYFTQIYNYAFNLILDPNRKDIDTDEGIQYWKLFFQPEYPVRMEPDLLEAWFRFLRDEGKTTISKDT
WRMLLLFFKRYPTIQKIISDYDETAAWPFIIDEFYECLQDQQ
;
B,A
2 'polypeptide(L)' (ACE)MLKLRQLQKKKQKENENSSSIQPN C,D
#
# COMPACT_ATOMS: atom_id res chain seq x y z
N SER A 2 -3.55 -21.18 20.03
CA SER A 2 -2.89 -20.40 21.13
C SER A 2 -2.55 -18.96 20.73
N VAL A 3 -1.72 -18.78 19.70
CA VAL A 3 -1.49 -17.45 19.12
C VAL A 3 -2.83 -16.92 18.61
N TYR A 4 -3.43 -17.67 17.68
CA TYR A 4 -4.73 -17.32 17.13
C TYR A 4 -5.85 -18.10 17.81
N PRO A 5 -7.03 -17.46 17.99
CA PRO A 5 -8.18 -18.14 18.58
C PRO A 5 -8.58 -19.36 17.74
N LYS A 6 -9.06 -20.41 18.40
CA LYS A 6 -9.50 -21.63 17.72
C LYS A 6 -10.43 -21.33 16.54
N GLU A 7 -11.37 -20.41 16.76
CA GLU A 7 -12.37 -20.03 15.76
C GLU A 7 -11.73 -19.51 14.48
N LEU A 8 -10.63 -18.76 14.60
CA LEU A 8 -9.99 -18.16 13.43
C LEU A 8 -9.22 -19.22 12.63
N THR A 9 -8.59 -20.15 13.33
CA THR A 9 -7.86 -21.24 12.68
C THR A 9 -8.83 -22.21 12.00
N GLN A 10 -10.03 -22.33 12.56
CA GLN A 10 -11.08 -23.19 11.99
C GLN A 10 -11.64 -22.61 10.68
N VAL A 11 -11.70 -21.28 10.59
CA VAL A 11 -12.11 -20.65 9.36
C VAL A 11 -11.10 -20.95 8.26
N PHE A 12 -9.82 -20.70 8.53
CA PHE A 12 -8.77 -21.03 7.56
C PHE A 12 -8.92 -22.48 7.12
N GLU A 13 -8.91 -23.37 8.11
CA GLU A 13 -8.90 -24.81 7.87
C GLU A 13 -10.09 -25.25 7.05
N HIS A 14 -11.22 -24.57 7.22
CA HIS A 14 -12.44 -24.86 6.49
C HIS A 14 -12.31 -24.72 4.96
N TYR A 15 -11.36 -23.93 4.49
CA TYR A 15 -11.25 -23.65 3.05
C TYR A 15 -10.09 -24.34 2.32
N ILE A 16 -9.21 -25.00 3.05
CA ILE A 16 -8.03 -25.60 2.43
C ILE A 16 -8.38 -26.74 1.47
N ASN A 17 -7.63 -26.79 0.37
CA ASN A 17 -7.73 -27.87 -0.60
C ASN A 17 -6.36 -28.49 -0.73
N ASN A 18 -6.27 -29.80 -0.59
CA ASN A 18 -4.99 -30.51 -0.62
C ASN A 18 -3.91 -29.74 0.17
N ASN A 19 -4.32 -29.23 1.34
CA ASN A 19 -3.43 -28.47 2.24
C ASN A 19 -2.98 -27.06 1.82
N LEU A 20 -3.60 -26.50 0.80
CA LEU A 20 -3.33 -25.13 0.42
C LEU A 20 -4.60 -24.28 0.46
N PHE A 21 -4.42 -22.98 0.68
CA PHE A 21 -5.48 -22.03 0.46
C PHE A 21 -5.24 -21.52 -0.95
N ASP A 22 -5.79 -22.26 -1.92
CA ASP A 22 -5.62 -21.97 -3.34
C ASP A 22 -6.83 -21.22 -3.89
N ILE A 23 -6.97 -21.22 -5.21
CA ILE A 23 -8.02 -20.46 -5.91
C ILE A 23 -9.42 -20.96 -5.60
N ASP A 24 -9.59 -22.28 -5.52
CA ASP A 24 -10.84 -22.87 -5.09
C ASP A 24 -11.21 -22.40 -3.69
N SER A 25 -10.25 -22.45 -2.76
CA SER A 25 -10.41 -21.85 -1.43
C SER A 25 -10.90 -20.41 -1.50
N LEU A 26 -10.23 -19.57 -2.31
CA LEU A 26 -10.59 -18.16 -2.42
C LEU A 26 -12.00 -17.98 -2.99
N VAL A 27 -12.32 -18.73 -4.04
CA VAL A 27 -13.66 -18.75 -4.63
C VAL A 27 -14.74 -19.07 -3.59
N LYS A 28 -14.56 -20.17 -2.85
CA LYS A 28 -15.51 -20.56 -1.80
C LYS A 28 -15.58 -19.55 -0.66
N PHE A 29 -14.43 -18.99 -0.30
CA PHE A 29 -14.35 -17.95 0.72
C PHE A 29 -15.21 -16.76 0.31
N ILE A 30 -15.01 -16.28 -0.92
CA ILE A 30 -15.78 -15.17 -1.46
C ILE A 30 -17.29 -15.45 -1.38
N GLU A 31 -17.68 -16.65 -1.80
CA GLU A 31 -19.09 -17.07 -1.79
C GLU A 31 -19.68 -17.08 -0.38
N GLU A 32 -18.95 -17.66 0.56
CA GLU A 32 -19.43 -17.69 1.94
C GLU A 32 -19.40 -16.32 2.62
N LEU A 33 -18.45 -15.48 2.21
CA LEU A 33 -18.46 -14.08 2.60
C LEU A 33 -19.75 -13.39 2.17
N GLY A 34 -20.33 -13.84 1.06
CA GLY A 34 -21.60 -13.33 0.56
C GLY A 34 -21.51 -12.60 -0.77
N TYR A 35 -20.44 -12.84 -1.53
CA TYR A 35 -20.20 -12.09 -2.77
C TYR A 35 -20.17 -12.92 -4.04
N ASN A 36 -20.34 -12.21 -5.15
CA ASN A 36 -20.15 -12.74 -6.49
C ASN A 36 -18.75 -12.35 -6.93
N LEU A 37 -18.14 -13.16 -7.79
CA LEU A 37 -16.76 -12.94 -8.25
C LEU A 37 -16.59 -11.61 -8.98
N GLU A 38 -17.69 -11.08 -9.48
CA GLU A 38 -17.67 -9.86 -10.29
C GLU A 38 -17.82 -8.61 -9.43
N ASP A 39 -18.10 -8.79 -8.14
CA ASP A 39 -18.18 -7.66 -7.20
C ASP A 39 -16.77 -7.18 -6.91
N LEU A 40 -16.56 -5.87 -7.01
CA LEU A 40 -15.24 -5.26 -6.80
C LEU A 40 -14.74 -5.38 -5.37
N ALA A 41 -15.65 -5.56 -4.41
CA ALA A 41 -15.28 -5.85 -3.02
C ALA A 41 -14.32 -7.06 -2.92
N THR A 42 -14.40 -7.98 -3.86
CA THR A 42 -13.44 -9.09 -3.92
C THR A 42 -12.01 -8.60 -4.08
N LEU A 43 -11.83 -7.44 -4.71
CA LEU A 43 -10.50 -6.82 -4.84
C LEU A 43 -10.02 -6.24 -3.52
N CYS A 44 -10.96 -5.69 -2.75
CA CYS A 44 -10.69 -5.21 -1.41
C CYS A 44 -10.24 -6.36 -0.50
N LEU A 45 -10.91 -7.50 -0.62
CA LEU A 45 -10.51 -8.72 0.09
C LEU A 45 -9.09 -9.11 -0.30
N ALA A 46 -8.88 -9.32 -1.60
CA ALA A 46 -7.57 -9.70 -2.12
C ALA A 46 -6.50 -8.77 -1.59
N HIS A 47 -6.82 -7.48 -1.60
CA HIS A 47 -5.88 -6.44 -1.22
C HIS A 47 -5.62 -6.47 0.28
N LEU A 48 -6.66 -6.72 1.06
CA LEU A 48 -6.53 -6.82 2.51
C LEU A 48 -5.61 -8.00 2.89
N LEU A 49 -5.78 -9.14 2.21
CA LEU A 49 -5.01 -10.35 2.48
C LEU A 49 -3.60 -10.36 1.87
N GLY A 50 -3.27 -9.29 1.14
CA GLY A 50 -1.92 -9.09 0.63
C GLY A 50 -1.58 -9.87 -0.62
N TYR A 51 -2.59 -10.27 -1.38
CA TYR A 51 -2.35 -10.97 -2.65
C TYR A 51 -1.51 -10.15 -3.64
N LYS A 52 -0.41 -10.75 -4.12
CA LYS A 52 0.39 -10.14 -5.17
C LYS A 52 -0.02 -10.69 -6.53
N LYS A 53 -0.38 -11.96 -6.53
CA LYS A 53 -0.76 -12.73 -7.73
C LYS A 53 -1.82 -13.74 -7.35
N LEU A 54 -2.89 -13.80 -8.13
CA LEU A 54 -3.99 -14.71 -7.83
C LEU A 54 -3.58 -16.17 -8.03
N GLU A 55 -2.53 -16.35 -8.84
CA GLU A 55 -1.98 -17.66 -9.15
C GLU A 55 -1.38 -18.36 -7.92
N GLU A 56 -0.97 -17.57 -6.93
CA GLU A 56 -0.25 -18.09 -5.77
C GLU A 56 -1.17 -18.34 -4.58
N PRO A 57 -1.03 -19.51 -3.95
CA PRO A 57 -1.84 -19.84 -2.79
C PRO A 57 -1.53 -18.89 -1.64
N LEU A 58 -2.56 -18.53 -0.87
CA LEU A 58 -2.39 -17.66 0.28
C LEU A 58 -1.82 -18.48 1.43
N LYS A 59 -0.73 -17.98 2.03
CA LYS A 59 -0.10 -18.64 3.18
C LYS A 59 -0.97 -18.56 4.44
N ARG A 60 -0.98 -19.66 5.18
CA ARG A 60 -1.68 -19.78 6.46
C ARG A 60 -1.43 -18.58 7.36
N GLU A 61 -0.15 -18.27 7.57
CA GLU A 61 0.27 -17.19 8.45
C GLU A 61 -0.27 -15.84 8.00
N ASP A 62 -0.31 -15.60 6.69
CA ASP A 62 -0.82 -14.32 6.16
C ASP A 62 -2.35 -14.21 6.33
N PHE A 63 -3.06 -15.31 6.11
CA PHE A 63 -4.49 -15.34 6.33
C PHE A 63 -4.81 -15.02 7.80
N LEU A 64 -4.11 -15.70 8.71
CA LEU A 64 -4.32 -15.54 10.15
C LEU A 64 -3.88 -14.17 10.71
N SER A 65 -2.64 -13.74 10.41
CA SER A 65 -2.12 -12.44 10.85
C SER A 65 -3.06 -11.32 10.46
N THR A 66 -3.52 -11.36 9.21
CA THR A 66 -4.35 -10.32 8.62
C THR A 66 -5.67 -10.13 9.37
N TRP A 67 -6.43 -11.22 9.49
CA TRP A 67 -7.71 -11.19 10.21
C TRP A 67 -7.57 -10.91 11.71
N PHE A 68 -6.52 -11.45 12.33
CA PHE A 68 -6.24 -11.15 13.76
C PHE A 68 -5.98 -9.66 13.94
N MET A 69 -5.09 -9.08 13.13
CA MET A 69 -4.81 -7.64 13.20
C MET A 69 -6.08 -6.81 13.05
N GLN A 70 -7.01 -7.30 12.23
CA GLN A 70 -8.28 -6.66 11.99
C GLN A 70 -9.29 -6.87 13.13
N GLY A 71 -8.99 -7.82 14.03
CA GLY A 71 -9.90 -8.15 15.12
C GLY A 71 -11.06 -9.05 14.73
N CYS A 72 -10.84 -9.95 13.78
CA CYS A 72 -11.86 -10.91 13.34
C CYS A 72 -11.48 -12.36 13.64
N SER A 73 -12.45 -13.13 14.14
CA SER A 73 -12.27 -14.56 14.42
C SER A 73 -13.20 -15.44 13.58
N THR A 74 -14.41 -14.94 13.37
CA THR A 74 -15.46 -15.70 12.70
C THR A 74 -15.70 -15.18 11.28
N ILE A 75 -16.35 -16.01 10.46
CA ILE A 75 -16.78 -15.61 9.13
C ILE A 75 -17.67 -14.37 9.17
N SER A 76 -18.51 -14.30 10.21
CA SER A 76 -19.39 -13.17 10.43
C SER A 76 -18.64 -11.86 10.67
N ASP A 77 -17.54 -11.93 11.42
CA ASP A 77 -16.66 -10.77 11.63
C ASP A 77 -16.07 -10.34 10.29
N MET A 78 -15.62 -11.32 9.52
CA MET A 78 -15.01 -11.08 8.22
C MET A 78 -15.97 -10.42 7.24
N GLN A 79 -17.23 -10.87 7.28
CA GLN A 79 -18.31 -10.26 6.50
C GLN A 79 -18.43 -8.78 6.84
N GLU A 80 -18.50 -8.47 8.14
CA GLU A 80 -18.57 -7.09 8.62
C GLU A 80 -17.41 -6.24 8.11
N CYS A 81 -16.22 -6.81 8.17
CA CYS A 81 -15.01 -6.16 7.68
C CYS A 81 -15.15 -5.84 6.19
N ILE A 82 -15.51 -6.85 5.40
CA ILE A 82 -15.66 -6.70 3.96
C ILE A 82 -16.78 -5.73 3.58
N LYS A 83 -17.93 -5.81 4.25
CA LYS A 83 -19.00 -4.82 4.05
C LYS A 83 -18.44 -3.40 4.17
N THR A 84 -17.68 -3.15 5.23
CA THR A 84 -17.11 -1.84 5.54
C THR A 84 -16.21 -1.35 4.42
N LEU A 85 -15.29 -2.19 3.96
CA LEU A 85 -14.40 -1.87 2.85
C LEU A 85 -15.16 -1.64 1.55
N ASP A 86 -16.26 -2.39 1.36
CA ASP A 86 -17.10 -2.20 0.18
C ASP A 86 -17.75 -0.81 0.22
N VAL A 87 -18.16 -0.38 1.40
CA VAL A 87 -18.67 0.98 1.57
C VAL A 87 -17.55 1.99 1.29
N LYS A 88 -16.39 1.74 1.88
CA LYS A 88 -15.20 2.57 1.66
C LYS A 88 -14.84 2.66 0.17
N LEU A 89 -15.06 1.59 -0.57
CA LEU A 89 -14.78 1.58 -2.01
C LEU A 89 -15.70 2.53 -2.78
N HIS A 90 -16.93 2.69 -2.32
CA HIS A 90 -17.89 3.58 -2.93
C HIS A 90 -17.70 5.02 -2.43
N GLU A 91 -17.25 5.17 -1.19
CA GLU A 91 -17.36 6.46 -0.49
C GLU A 91 -16.06 7.25 -0.38
N ASP A 92 -14.93 6.56 -0.54
CA ASP A 92 -13.62 7.13 -0.25
C ASP A 92 -12.78 7.06 -1.51
N LEU A 93 -12.58 8.23 -2.11
CA LEU A 93 -12.00 8.36 -3.45
C LEU A 93 -10.55 7.90 -3.55
N GLN A 94 -9.75 8.18 -2.51
CA GLN A 94 -8.36 7.71 -2.46
C GLN A 94 -8.30 6.19 -2.38
N TYR A 95 -9.13 5.63 -1.50
CA TYR A 95 -9.27 4.18 -1.40
C TYR A 95 -9.69 3.56 -2.74
N PHE A 96 -10.72 4.13 -3.37
CA PHE A 96 -11.16 3.68 -4.71
C PHE A 96 -9.99 3.63 -5.69
N THR A 97 -9.15 4.67 -5.66
CA THR A 97 -8.03 4.82 -6.58
C THR A 97 -6.97 3.76 -6.31
N GLN A 98 -6.66 3.56 -5.03
CA GLN A 98 -5.74 2.50 -4.61
C GLN A 98 -6.20 1.11 -5.13
N ILE A 99 -7.47 0.78 -4.95
CA ILE A 99 -8.00 -0.49 -5.47
C ILE A 99 -7.96 -0.56 -7.00
N TYR A 100 -8.38 0.53 -7.66
CA TYR A 100 -8.28 0.63 -9.12
C TYR A 100 -6.86 0.31 -9.58
N ASN A 101 -5.88 0.98 -8.97
CA ASN A 101 -4.48 0.80 -9.32
C ASN A 101 -4.03 -0.63 -9.05
N TYR A 102 -4.48 -1.18 -7.93
CA TYR A 102 -4.15 -2.54 -7.53
C TYR A 102 -4.67 -3.57 -8.54
N ALA A 103 -5.89 -3.39 -9.01
CA ALA A 103 -6.49 -4.31 -9.99
C ALA A 103 -5.55 -4.68 -11.12
N PHE A 104 -4.87 -3.69 -11.69
CA PHE A 104 -3.98 -3.91 -12.83
C PHE A 104 -2.97 -5.02 -12.50
N ASN A 105 -2.37 -4.91 -11.32
CA ASN A 105 -1.33 -5.83 -10.86
C ASN A 105 -1.80 -7.28 -10.80
N LEU A 106 -3.07 -7.47 -10.44
CA LEU A 106 -3.66 -8.80 -10.37
C LEU A 106 -4.15 -9.31 -11.73
N ILE A 107 -4.58 -8.40 -12.61
CA ILE A 107 -4.95 -8.76 -13.98
C ILE A 107 -3.74 -9.33 -14.76
N LEU A 108 -2.56 -8.76 -14.51
CA LEU A 108 -1.34 -9.18 -15.20
C LEU A 108 -1.13 -10.68 -15.18
N ASP A 109 -1.05 -11.28 -16.37
CA ASP A 109 -0.67 -12.69 -16.52
C ASP A 109 0.79 -12.83 -16.12
N PRO A 110 1.19 -14.02 -15.62
CA PRO A 110 2.61 -14.21 -15.32
C PRO A 110 3.46 -13.97 -16.56
N ASN A 111 4.64 -13.39 -16.37
CA ASN A 111 5.59 -13.14 -17.46
C ASN A 111 5.25 -11.97 -18.38
N ARG A 112 4.34 -11.10 -17.95
CA ARG A 112 3.85 -10.00 -18.78
C ARG A 112 3.90 -8.64 -18.07
N LYS A 113 4.09 -7.59 -18.86
CA LYS A 113 4.17 -6.21 -18.34
C LYS A 113 2.87 -5.43 -18.53
N ASP A 114 2.05 -5.86 -19.49
CA ASP A 114 0.77 -5.23 -19.75
C ASP A 114 -0.36 -6.25 -19.88
N ILE A 115 -1.60 -5.74 -19.90
CA ILE A 115 -2.78 -6.57 -20.00
C ILE A 115 -3.38 -6.47 -21.41
N ASP A 116 -4.14 -7.47 -21.83
CA ASP A 116 -4.92 -7.38 -23.07
C ASP A 116 -6.00 -6.32 -22.93
N THR A 117 -6.24 -5.61 -24.03
CA THR A 117 -7.26 -4.58 -24.11
C THR A 117 -8.63 -5.12 -23.68
N ASP A 118 -8.94 -6.31 -24.18
CA ASP A 118 -10.17 -7.00 -23.85
C ASP A 118 -10.41 -7.04 -22.34
N GLU A 119 -9.38 -7.42 -21.61
CA GLU A 119 -9.46 -7.52 -20.16
C GLU A 119 -9.52 -6.14 -19.50
N GLY A 120 -8.81 -5.16 -20.06
CA GLY A 120 -8.91 -3.79 -19.58
C GLY A 120 -10.35 -3.31 -19.61
N ILE A 121 -10.98 -3.44 -20.77
CA ILE A 121 -12.37 -3.06 -20.99
C ILE A 121 -13.34 -3.76 -20.00
N GLN A 122 -13.16 -5.06 -19.81
CA GLN A 122 -13.96 -5.81 -18.83
C GLN A 122 -13.93 -5.18 -17.44
N TYR A 123 -12.75 -4.80 -16.98
CA TYR A 123 -12.64 -4.18 -15.67
C TYR A 123 -13.06 -2.71 -15.68
N TRP A 124 -12.75 -1.99 -16.76
CA TRP A 124 -13.24 -0.62 -16.88
C TRP A 124 -14.76 -0.55 -16.73
N LYS A 125 -15.46 -1.50 -17.32
CA LYS A 125 -16.92 -1.55 -17.23
C LYS A 125 -17.42 -1.74 -15.81
N LEU A 126 -16.66 -2.48 -15.00
CA LEU A 126 -17.00 -2.66 -13.59
C LEU A 126 -16.67 -1.42 -12.77
N PHE A 127 -15.47 -0.86 -12.97
CA PHE A 127 -15.04 0.30 -12.20
C PHE A 127 -15.87 1.56 -12.47
N PHE A 128 -16.45 1.66 -13.66
CA PHE A 128 -17.13 2.91 -14.02
C PHE A 128 -18.64 2.86 -13.99
N GLN A 129 -19.18 1.92 -13.22
CA GLN A 129 -20.61 1.85 -12.99
C GLN A 129 -20.97 3.06 -12.14
N PRO A 130 -22.21 3.58 -12.30
CA PRO A 130 -22.56 4.86 -11.71
C PRO A 130 -22.56 4.88 -10.18
N GLU A 131 -22.62 3.70 -9.57
CA GLU A 131 -22.56 3.57 -8.11
C GLU A 131 -21.20 4.03 -7.54
N TYR A 132 -20.16 4.01 -8.37
CA TYR A 132 -18.81 4.36 -7.96
C TYR A 132 -18.48 5.87 -8.13
N PRO A 133 -17.46 6.36 -7.39
CA PRO A 133 -17.18 7.80 -7.22
C PRO A 133 -16.73 8.57 -8.45
N VAL A 134 -16.14 7.91 -9.44
CA VAL A 134 -15.69 8.61 -10.65
C VAL A 134 -16.73 8.50 -11.76
N ARG A 135 -17.49 9.57 -11.93
CA ARG A 135 -18.65 9.56 -12.82
C ARG A 135 -18.37 10.37 -14.06
N MET A 136 -18.83 9.86 -15.20
CA MET A 136 -18.68 10.55 -16.47
C MET A 136 -19.88 10.31 -17.38
N GLU A 137 -19.95 11.10 -18.44
CA GLU A 137 -20.91 10.91 -19.53
C GLU A 137 -20.75 9.50 -20.12
N PRO A 138 -21.87 8.79 -20.32
CA PRO A 138 -21.79 7.42 -20.88
C PRO A 138 -21.12 7.39 -22.26
N ASP A 139 -21.33 8.43 -23.06
CA ASP A 139 -20.72 8.52 -24.39
C ASP A 139 -19.20 8.63 -24.37
N LEU A 140 -18.65 9.19 -23.30
CA LEU A 140 -17.21 9.33 -23.16
C LEU A 140 -16.51 7.97 -22.98
N LEU A 141 -17.01 7.19 -22.04
CA LEU A 141 -16.50 5.83 -21.84
C LEU A 141 -16.68 5.00 -23.11
N GLU A 142 -17.83 5.13 -23.77
CA GLU A 142 -18.07 4.40 -25.01
CA GLU A 142 -18.08 4.40 -25.02
C GLU A 142 -17.09 4.85 -26.09
N ALA A 143 -16.83 6.16 -26.15
CA ALA A 143 -15.85 6.68 -27.11
C ALA A 143 -14.44 6.12 -26.87
N TRP A 144 -14.04 6.01 -25.59
CA TRP A 144 -12.75 5.43 -25.22
C TRP A 144 -12.66 3.97 -25.69
N PHE A 145 -13.68 3.17 -25.43
CA PHE A 145 -13.70 1.78 -25.89
C PHE A 145 -13.60 1.68 -27.42
N ARG A 146 -14.36 2.54 -28.10
CA ARG A 146 -14.40 2.58 -29.55
C ARG A 146 -13.06 2.99 -30.17
N PHE A 147 -12.43 3.98 -29.54
CA PHE A 147 -11.10 4.44 -29.93
C PHE A 147 -10.07 3.29 -29.84
N LEU A 148 -10.09 2.52 -28.76
CA LEU A 148 -9.15 1.40 -28.60
C LEU A 148 -9.28 0.36 -29.72
N ARG A 149 -10.52 0.00 -30.05
CA ARG A 149 -10.81 -0.88 -31.18
C ARG A 149 -10.33 -0.24 -32.51
N ASP A 150 -10.87 0.93 -32.83
CA ASP A 150 -10.60 1.60 -34.12
C ASP A 150 -9.12 1.83 -34.41
N GLU A 151 -8.37 2.23 -33.37
CA GLU A 151 -6.95 2.50 -33.51
C GLU A 151 -6.07 1.27 -33.32
N GLY A 152 -6.69 0.11 -33.11
CA GLY A 152 -5.96 -1.15 -33.00
C GLY A 152 -5.09 -1.25 -31.76
N LYS A 153 -5.57 -0.71 -30.65
CA LYS A 153 -4.87 -0.79 -29.37
C LYS A 153 -5.17 -2.14 -28.74
N THR A 154 -4.23 -3.08 -28.84
CA THR A 154 -4.47 -4.45 -28.40
C THR A 154 -3.94 -4.71 -26.98
N THR A 155 -3.22 -3.75 -26.44
CA THR A 155 -2.50 -3.93 -25.17
C THR A 155 -2.58 -2.66 -24.31
N ILE A 156 -2.70 -2.85 -23.00
CA ILE A 156 -2.77 -1.73 -22.07
C ILE A 156 -1.64 -1.75 -21.06
N SER A 157 -0.89 -0.64 -20.99
CA SER A 157 0.19 -0.51 -20.02
C SER A 157 -0.34 -0.01 -18.66
N LYS A 158 0.48 -0.22 -17.63
CA LYS A 158 0.24 0.30 -16.29
C LYS A 158 0.05 1.82 -16.35
N ASP A 159 0.94 2.49 -17.07
CA ASP A 159 0.93 3.95 -17.21
C ASP A 159 -0.44 4.43 -17.72
N THR A 160 -0.89 3.85 -18.84
CA THR A 160 -2.19 4.16 -19.43
C THR A 160 -3.34 3.90 -18.43
N TRP A 161 -3.30 2.73 -17.78
CA TRP A 161 -4.32 2.33 -16.84
C TRP A 161 -4.48 3.34 -15.72
N ARG A 162 -3.37 3.66 -15.05
CA ARG A 162 -3.35 4.67 -13.98
C ARG A 162 -3.77 6.07 -14.43
N MET A 163 -3.23 6.53 -15.56
CA MET A 163 -3.47 7.89 -16.04
C MET A 163 -4.91 8.11 -16.53
N LEU A 164 -5.57 7.04 -16.98
CA LEU A 164 -6.93 7.13 -17.49
C LEU A 164 -7.89 7.56 -16.38
N LEU A 165 -7.73 6.96 -15.21
CA LEU A 165 -8.57 7.30 -14.07
C LEU A 165 -8.44 8.77 -13.76
N LEU A 166 -7.19 9.22 -13.61
CA LEU A 166 -6.90 10.62 -13.34
C LEU A 166 -7.53 11.46 -14.44
N PHE A 167 -7.35 11.02 -15.69
CA PHE A 167 -7.95 11.67 -16.85
C PHE A 167 -9.47 11.84 -16.73
N PHE A 168 -10.16 10.80 -16.30
CA PHE A 168 -11.62 10.82 -16.20
C PHE A 168 -12.12 11.62 -14.98
N LYS A 169 -11.28 11.71 -13.95
CA LYS A 169 -11.58 12.58 -12.81
C LYS A 169 -11.62 14.05 -13.25
N ARG A 170 -10.65 14.43 -14.07
CA ARG A 170 -10.58 15.81 -14.56
C ARG A 170 -11.56 16.08 -15.71
N TYR A 171 -11.89 15.05 -16.49
CA TYR A 171 -12.67 15.24 -17.73
C TYR A 171 -13.88 14.29 -17.85
N PRO A 172 -15.06 14.73 -17.38
CA PRO A 172 -16.23 13.86 -17.34
C PRO A 172 -17.00 13.86 -18.67
N THR A 173 -16.71 14.82 -19.55
CA THR A 173 -17.36 14.86 -20.85
C THR A 173 -16.41 15.04 -22.02
N ILE A 174 -16.88 14.54 -23.17
CA ILE A 174 -16.20 14.68 -24.46
C ILE A 174 -15.98 16.15 -24.80
N GLN A 175 -16.99 16.97 -24.53
CA GLN A 175 -16.89 18.39 -24.86
C GLN A 175 -15.89 19.14 -23.95
N LYS A 176 -15.85 18.79 -22.66
CA LYS A 176 -14.83 19.35 -21.77
C LYS A 176 -13.41 19.00 -22.25
N ILE A 177 -13.20 17.74 -22.64
CA ILE A 177 -11.91 17.34 -23.21
C ILE A 177 -11.56 18.24 -24.39
N ILE A 178 -12.47 18.34 -25.35
CA ILE A 178 -12.24 19.13 -26.57
C ILE A 178 -11.89 20.59 -26.27
N SER A 179 -12.72 21.24 -25.45
CA SER A 179 -12.47 22.60 -24.98
C SER A 179 -11.23 22.82 -24.10
N ASP A 180 -10.94 21.90 -23.18
CA ASP A 180 -10.00 22.17 -22.08
C ASP A 180 -8.71 21.34 -22.00
N TYR A 181 -8.68 20.19 -22.68
CA TYR A 181 -7.52 19.32 -22.61
C TYR A 181 -6.29 19.99 -23.18
N ASP A 182 -5.15 19.78 -22.54
CA ASP A 182 -3.90 20.35 -23.01
C ASP A 182 -2.93 19.26 -23.46
N GLU A 183 -2.74 19.15 -24.77
CA GLU A 183 -1.91 18.12 -25.34
C GLU A 183 -0.42 18.35 -25.05
N THR A 184 -0.08 19.55 -24.58
CA THR A 184 1.31 19.85 -24.27
C THR A 184 1.68 19.41 -22.84
N ALA A 185 0.68 19.32 -21.98
CA ALA A 185 0.83 18.79 -20.62
C ALA A 185 1.32 17.33 -20.59
N ALA A 186 1.58 16.80 -19.39
CA ALA A 186 2.31 15.54 -19.25
C ALA A 186 1.46 14.25 -19.31
N TRP A 187 0.42 14.23 -20.15
CA TRP A 187 -0.40 13.03 -20.31
C TRP A 187 0.32 12.03 -21.21
N PRO A 188 -0.01 10.72 -21.10
CA PRO A 188 0.60 9.75 -22.00
C PRO A 188 0.15 9.96 -23.45
N PHE A 189 0.98 9.56 -24.41
CA PHE A 189 0.72 9.73 -25.84
C PHE A 189 -0.64 9.19 -26.27
N ILE A 190 -1.06 8.09 -25.66
CA ILE A 190 -2.27 7.38 -26.04
C ILE A 190 -3.53 8.22 -25.76
N ILE A 191 -3.52 8.96 -24.65
CA ILE A 191 -4.59 9.88 -24.33
C ILE A 191 -4.49 11.15 -25.22
N ASP A 192 -3.27 11.57 -25.58
CA ASP A 192 -3.11 12.60 -26.62
C ASP A 192 -3.81 12.15 -27.92
N GLU A 193 -3.73 10.86 -28.26
CA GLU A 193 -4.35 10.34 -29.48
C GLU A 193 -5.85 10.29 -29.37
N PHE A 194 -6.34 9.89 -28.20
CA PHE A 194 -7.78 9.84 -27.91
C PHE A 194 -8.39 11.23 -28.09
N TYR A 195 -7.70 12.23 -27.57
CA TYR A 195 -8.08 13.64 -27.72
C TYR A 195 -8.23 14.04 -29.20
N GLU A 196 -7.24 13.70 -30.01
CA GLU A 196 -7.26 14.03 -31.44
C GLU A 196 -8.38 13.30 -32.17
N CYS A 197 -8.55 12.02 -31.81
CA CYS A 197 -9.65 11.21 -32.36
CA CYS A 197 -9.65 11.19 -32.32
C CYS A 197 -11.02 11.80 -32.00
N LEU A 198 -11.18 12.31 -30.79
CA LEU A 198 -12.44 12.93 -30.37
C LEU A 198 -12.76 14.20 -31.15
N GLN A 199 -11.70 14.89 -31.58
CA GLN A 199 -11.83 16.11 -32.39
C GLN A 199 -12.11 15.79 -33.85
N ASP A 200 -11.42 14.77 -34.38
CA ASP A 200 -11.62 14.33 -35.77
C ASP A 200 -13.10 13.98 -36.03
N GLN A 201 -13.81 13.65 -34.96
CA GLN A 201 -15.23 13.41 -35.01
C GLN A 201 -15.96 14.48 -34.19
N GLY B 1 1.38 15.07 -23.65
CA GLY B 1 2.75 15.41 -24.09
C GLY B 1 3.82 15.23 -23.04
N SER B 2 4.61 16.29 -22.80
CA SER B 2 5.82 16.17 -21.99
C SER B 2 6.05 17.23 -20.92
N VAL B 3 5.37 18.37 -21.00
CA VAL B 3 5.63 19.41 -20.00
C VAL B 3 4.73 19.28 -18.78
N TYR B 4 5.35 19.12 -17.61
CA TYR B 4 4.64 19.20 -16.35
C TYR B 4 4.27 20.67 -16.07
N PRO B 5 3.29 20.92 -15.19
CA PRO B 5 2.96 22.30 -14.89
C PRO B 5 4.15 23.07 -14.35
N LYS B 6 4.36 24.27 -14.88
CA LYS B 6 5.49 25.12 -14.51
C LYS B 6 5.69 25.24 -13.00
N GLU B 7 4.58 25.40 -12.27
CA GLU B 7 4.60 25.55 -10.82
C GLU B 7 5.19 24.32 -10.13
N LEU B 8 4.87 23.14 -10.64
CA LEU B 8 5.42 21.89 -10.09
C LEU B 8 6.93 21.80 -10.36
N THR B 9 7.35 22.14 -11.57
CA THR B 9 8.77 22.15 -11.94
C THR B 9 9.58 23.20 -11.14
N GLN B 10 8.94 24.30 -10.76
CA GLN B 10 9.57 25.33 -9.94
C GLN B 10 9.84 24.82 -8.53
N VAL B 11 8.87 24.08 -7.97
CA VAL B 11 9.05 23.42 -6.68
C VAL B 11 10.29 22.51 -6.69
N PHE B 12 10.43 21.64 -7.69
CA PHE B 12 11.62 20.78 -7.78
C PHE B 12 12.89 21.61 -7.75
N GLU B 13 12.92 22.62 -8.63
CA GLU B 13 14.10 23.43 -8.88
C GLU B 13 14.51 24.18 -7.60
N HIS B 14 13.48 24.64 -6.88
CA HIS B 14 13.67 25.32 -5.62
C HIS B 14 14.52 24.53 -4.61
N TYR B 15 14.31 23.21 -4.55
CA TYR B 15 14.92 22.35 -3.52
C TYR B 15 16.30 21.78 -3.86
N ILE B 16 16.57 21.53 -5.13
CA ILE B 16 17.79 20.82 -5.54
C ILE B 16 19.09 21.55 -5.19
N ASN B 17 20.12 20.78 -4.89
CA ASN B 17 21.44 21.30 -4.58
C ASN B 17 22.43 20.77 -5.59
N ASN B 18 23.08 21.67 -6.31
CA ASN B 18 24.01 21.30 -7.38
C ASN B 18 23.40 20.28 -8.34
N ASN B 19 22.14 20.53 -8.73
CA ASN B 19 21.40 19.73 -9.72
C ASN B 19 20.72 18.44 -9.22
N LEU B 20 20.88 18.13 -7.93
CA LEU B 20 20.31 16.90 -7.38
C LEU B 20 19.29 17.17 -6.28
N PHE B 21 18.21 16.41 -6.27
CA PHE B 21 17.32 16.40 -5.13
C PHE B 21 17.92 15.43 -4.15
N ASP B 22 18.72 15.95 -3.23
CA ASP B 22 19.48 15.13 -2.29
C ASP B 22 18.91 15.19 -0.86
N ILE B 23 19.71 14.73 0.10
CA ILE B 23 19.29 14.66 1.51
C ILE B 23 18.93 16.04 2.05
N ASP B 24 19.72 17.06 1.68
CA ASP B 24 19.44 18.44 2.09
C ASP B 24 18.14 18.95 1.50
N SER B 25 17.86 18.55 0.27
CA SER B 25 16.61 18.87 -0.40
C SER B 25 15.42 18.30 0.37
N LEU B 26 15.47 17.00 0.67
CA LEU B 26 14.37 16.34 1.33
C LEU B 26 14.05 16.95 2.70
N VAL B 27 15.10 17.26 3.46
CA VAL B 27 14.99 17.95 4.76
C VAL B 27 14.30 19.31 4.65
N LYS B 28 14.74 20.12 3.69
CA LYS B 28 14.14 21.43 3.46
C LYS B 28 12.68 21.29 3.03
N PHE B 29 12.42 20.28 2.20
CA PHE B 29 11.06 19.99 1.71
C PHE B 29 10.12 19.62 2.85
N ILE B 30 10.59 18.74 3.74
CA ILE B 30 9.84 18.40 4.94
C ILE B 30 9.57 19.62 5.81
N GLU B 31 10.60 20.44 6.02
CA GLU B 31 10.49 21.69 6.76
C GLU B 31 9.40 22.57 6.19
N GLU B 32 9.46 22.79 4.87
CA GLU B 32 8.50 23.67 4.20
C GLU B 32 7.10 23.06 4.14
N LEU B 33 7.01 21.73 4.14
CA LEU B 33 5.72 21.05 4.27
C LEU B 33 5.11 21.25 5.65
N GLY B 34 5.95 21.64 6.61
CA GLY B 34 5.51 21.99 7.96
C GLY B 34 5.68 20.89 8.98
N TYR B 35 6.65 20.00 8.74
CA TYR B 35 6.86 18.85 9.62
C TYR B 35 8.22 18.88 10.29
N ASN B 36 8.32 18.16 11.42
CA ASN B 36 9.59 17.82 12.04
C ASN B 36 10.00 16.45 11.51
N LEU B 37 11.29 16.15 11.55
CA LEU B 37 11.80 14.85 11.13
C LEU B 37 11.30 13.71 12.01
N GLU B 38 10.86 14.04 13.23
CA GLU B 38 10.27 13.07 14.17
C GLU B 38 8.88 12.61 13.71
N ASP B 39 8.24 13.40 12.83
CA ASP B 39 6.88 13.11 12.39
C ASP B 39 6.87 11.89 11.46
N LEU B 40 6.11 10.87 11.86
CA LEU B 40 5.94 9.66 11.04
C LEU B 40 5.38 9.96 9.64
N ALA B 41 4.54 10.97 9.51
CA ALA B 41 4.01 11.40 8.22
C ALA B 41 5.11 11.63 7.16
N THR B 42 6.32 11.92 7.61
CA THR B 42 7.44 12.11 6.69
C THR B 42 7.82 10.80 5.99
N LEU B 43 7.48 9.67 6.62
CA LEU B 43 7.64 8.36 6.02
C LEU B 43 6.60 8.09 4.95
N CYS B 44 5.37 8.53 5.17
CA CYS B 44 4.34 8.49 4.13
C CYS B 44 4.83 9.28 2.91
N LEU B 45 5.42 10.45 3.15
CA LEU B 45 5.97 11.26 2.09
C LEU B 45 7.00 10.49 1.27
N ALA B 46 7.99 9.92 1.96
CA ALA B 46 9.08 9.21 1.29
C ALA B 46 8.53 8.05 0.47
N HIS B 47 7.55 7.35 1.05
CA HIS B 47 6.91 6.20 0.43
C HIS B 47 6.12 6.64 -0.78
N LEU B 48 5.32 7.70 -0.60
CA LEU B 48 4.59 8.32 -1.70
C LEU B 48 5.56 8.67 -2.84
N LEU B 49 6.73 9.24 -2.51
CA LEU B 49 7.74 9.61 -3.52
C LEU B 49 8.58 8.42 -4.03
N GLY B 50 8.37 7.25 -3.42
CA GLY B 50 8.98 6.02 -3.92
C GLY B 50 10.45 5.87 -3.61
N TYR B 51 10.91 6.47 -2.51
CA TYR B 51 12.29 6.28 -2.05
C TYR B 51 12.55 4.82 -1.73
N LYS B 52 13.70 4.33 -2.18
CA LYS B 52 14.15 2.98 -1.83
C LYS B 52 15.25 3.10 -0.79
N LYS B 53 16.09 4.11 -0.96
CA LYS B 53 17.20 4.38 -0.06
C LYS B 53 17.32 5.89 0.08
N LEU B 54 17.54 6.34 1.30
CA LEU B 54 17.64 7.78 1.57
C LEU B 54 18.95 8.36 1.06
N GLU B 55 19.94 7.49 0.88
CA GLU B 55 21.25 7.89 0.42
C GLU B 55 21.23 8.28 -1.06
N GLU B 56 20.34 7.64 -1.85
CA GLU B 56 20.23 7.92 -3.28
C GLU B 56 19.32 9.12 -3.57
N PRO B 57 19.71 9.97 -4.54
CA PRO B 57 18.92 11.16 -4.85
C PRO B 57 17.62 10.79 -5.55
N LEU B 58 16.60 11.62 -5.31
CA LEU B 58 15.28 11.45 -5.91
C LEU B 58 15.31 12.02 -7.31
N LYS B 59 14.92 11.19 -8.29
CA LYS B 59 14.93 11.60 -9.68
C LYS B 59 13.79 12.55 -10.00
N ARG B 60 14.12 13.56 -10.81
CA ARG B 60 13.18 14.57 -11.28
C ARG B 60 11.89 13.97 -11.79
N GLU B 61 12.00 13.03 -12.73
CA GLU B 61 10.85 12.37 -13.31
C GLU B 61 9.98 11.75 -12.21
N ASP B 62 10.61 11.07 -11.25
CA ASP B 62 9.90 10.45 -10.12
C ASP B 62 9.17 11.52 -9.28
N PHE B 63 9.86 12.61 -8.97
CA PHE B 63 9.27 13.70 -8.19
C PHE B 63 8.03 14.28 -8.91
N LEU B 64 8.19 14.55 -10.19
CA LEU B 64 7.14 15.15 -11.02
C LEU B 64 5.98 14.18 -11.29
N SER B 65 6.28 12.94 -11.71
CA SER B 65 5.26 11.89 -11.88
C SER B 65 4.32 11.79 -10.68
N THR B 66 4.91 11.72 -9.49
CA THR B 66 4.19 11.47 -8.26
C THR B 66 3.18 12.57 -7.93
N TRP B 67 3.62 13.82 -8.00
CA TRP B 67 2.74 14.93 -7.69
C TRP B 67 1.67 15.15 -8.75
N PHE B 68 2.03 14.97 -10.01
CA PHE B 68 1.08 15.06 -11.10
C PHE B 68 -0.10 14.10 -10.85
N MET B 69 0.21 12.89 -10.38
CA MET B 69 -0.79 11.87 -10.05
C MET B 69 -1.64 12.18 -8.81
N GLN B 70 -1.13 13.04 -7.92
CA GLN B 70 -1.87 13.46 -6.73
C GLN B 70 -2.63 14.75 -6.98
N GLY B 71 -2.49 15.30 -8.19
CA GLY B 71 -3.14 16.56 -8.56
C GLY B 71 -2.57 17.77 -7.84
N CYS B 72 -1.28 17.70 -7.51
CA CYS B 72 -0.62 18.76 -6.75
C CYS B 72 0.37 19.55 -7.63
N SER B 73 0.36 20.87 -7.47
CA SER B 73 1.30 21.74 -8.16
C SER B 73 2.03 22.67 -7.19
N THR B 74 1.45 22.81 -5.99
CA THR B 74 1.90 23.77 -5.02
C THR B 74 2.19 23.12 -3.67
N ILE B 75 3.03 23.75 -2.86
CA ILE B 75 3.31 23.30 -1.50
C ILE B 75 1.98 23.08 -0.76
N SER B 76 1.11 24.09 -0.82
CA SER B 76 -0.22 24.03 -0.21
C SER B 76 -0.94 22.71 -0.53
N ASP B 77 -1.00 22.36 -1.82
CA ASP B 77 -1.54 21.08 -2.27
C ASP B 77 -0.86 19.88 -1.60
N MET B 78 0.49 19.87 -1.64
CA MET B 78 1.28 18.77 -1.08
C MET B 78 1.09 18.63 0.44
N GLN B 79 1.00 19.77 1.13
CA GLN B 79 0.62 19.78 2.54
C GLN B 79 -0.69 19.03 2.74
N GLU B 80 -1.68 19.32 1.89
CA GLU B 80 -2.99 18.69 1.96
C GLU B 80 -2.92 17.19 1.70
N CYS B 81 -2.13 16.79 0.70
CA CYS B 81 -1.96 15.37 0.39
C CYS B 81 -1.32 14.59 1.56
N ILE B 82 -0.26 15.14 2.14
CA ILE B 82 0.40 14.52 3.31
C ILE B 82 -0.47 14.51 4.57
N LYS B 83 -1.06 15.65 4.92
CA LYS B 83 -2.07 15.71 5.99
C LYS B 83 -3.04 14.52 5.92
N THR B 84 -3.50 14.22 4.70
CA THR B 84 -4.44 13.13 4.46
C THR B 84 -3.81 11.77 4.74
N LEU B 85 -2.58 11.57 4.27
CA LEU B 85 -1.85 10.34 4.54
C LEU B 85 -1.53 10.20 6.03
N ASP B 86 -1.27 11.33 6.67
CA ASP B 86 -1.00 11.37 8.11
C ASP B 86 -2.20 10.87 8.92
N VAL B 87 -3.38 11.34 8.54
CA VAL B 87 -4.61 10.84 9.15
C VAL B 87 -4.73 9.32 8.91
N LYS B 88 -4.48 8.90 7.68
CA LYS B 88 -4.57 7.48 7.34
C LYS B 88 -3.56 6.63 8.13
N LEU B 89 -2.42 7.23 8.45
CA LEU B 89 -1.41 6.54 9.26
C LEU B 89 -1.94 6.21 10.66
N HIS B 90 -2.70 7.14 11.22
CA HIS B 90 -3.29 6.97 12.54
C HIS B 90 -4.52 6.04 12.57
N GLU B 91 -5.26 5.98 11.46
CA GLU B 91 -6.60 5.40 11.46
C GLU B 91 -6.76 4.05 10.76
N ASP B 92 -5.82 3.70 9.89
CA ASP B 92 -5.93 2.54 9.04
C ASP B 92 -4.78 1.60 9.34
N LEU B 93 -5.08 0.53 10.05
CA LEU B 93 -4.08 -0.39 10.58
C LEU B 93 -3.21 -1.02 9.49
N GLN B 94 -3.81 -1.31 8.34
CA GLN B 94 -3.08 -1.86 7.19
C GLN B 94 -2.05 -0.88 6.66
N TYR B 95 -2.43 0.39 6.55
CA TYR B 95 -1.52 1.42 6.05
C TYR B 95 -0.38 1.66 7.03
N PHE B 96 -0.72 1.79 8.31
CA PHE B 96 0.27 1.87 9.38
C PHE B 96 1.30 0.73 9.29
N THR B 97 0.82 -0.49 9.10
CA THR B 97 1.69 -1.66 9.03
C THR B 97 2.66 -1.58 7.86
N GLN B 98 2.12 -1.28 6.69
CA GLN B 98 2.93 -1.09 5.51
C GLN B 98 4.04 -0.04 5.76
N ILE B 99 3.66 1.13 6.26
CA ILE B 99 4.62 2.19 6.58
C ILE B 99 5.61 1.75 7.66
N TYR B 100 5.12 1.02 8.65
CA TYR B 100 5.96 0.38 9.67
C TYR B 100 7.04 -0.51 9.07
N ASN B 101 6.64 -1.40 8.17
CA ASN B 101 7.57 -2.34 7.54
C ASN B 101 8.51 -1.64 6.58
N TYR B 102 7.98 -0.64 5.88
CA TYR B 102 8.76 0.21 5.00
C TYR B 102 9.86 0.94 5.78
N ALA B 103 9.52 1.49 6.94
CA ALA B 103 10.51 2.15 7.79
C ALA B 103 11.82 1.37 7.88
N PHE B 104 11.70 0.07 8.14
CA PHE B 104 12.86 -0.81 8.28
C PHE B 104 13.81 -0.73 7.09
N ASN B 105 13.24 -0.75 5.88
CA ASN B 105 14.01 -0.76 4.65
C ASN B 105 14.79 0.53 4.41
N LEU B 106 14.24 1.64 4.90
CA LEU B 106 14.90 2.95 4.85
C LEU B 106 15.93 3.14 5.95
N ILE B 107 15.69 2.53 7.11
CA ILE B 107 16.60 2.65 8.26
C ILE B 107 17.89 1.89 7.94
N LEU B 108 17.77 0.84 7.13
CA LEU B 108 18.92 0.03 6.74
C LEU B 108 20.00 0.91 6.13
N ASP B 109 21.20 0.86 6.71
CA ASP B 109 22.37 1.54 6.12
C ASP B 109 22.71 0.82 4.82
N PRO B 110 23.44 1.50 3.91
CA PRO B 110 23.86 0.80 2.67
C PRO B 110 24.76 -0.38 3.00
N ASN B 111 24.56 -1.50 2.30
CA ASN B 111 25.39 -2.69 2.45
C ASN B 111 25.10 -3.56 3.69
N ARG B 112 24.22 -3.10 4.58
CA ARG B 112 23.80 -3.90 5.75
C ARG B 112 22.59 -4.77 5.43
N LYS B 113 22.35 -5.78 6.25
CA LYS B 113 21.11 -6.58 6.16
C LYS B 113 20.20 -6.46 7.40
N ASP B 114 20.77 -6.10 8.55
CA ASP B 114 20.01 -5.78 9.75
C ASP B 114 20.21 -4.31 10.14
N ILE B 115 19.25 -3.74 10.85
CA ILE B 115 19.40 -2.38 11.38
C ILE B 115 20.04 -2.41 12.77
N ASP B 116 20.81 -1.37 13.10
CA ASP B 116 21.38 -1.21 14.42
C ASP B 116 20.30 -0.97 15.49
N THR B 117 20.47 -1.64 16.62
CA THR B 117 19.46 -1.65 17.65
C THR B 117 19.08 -0.25 18.12
N ASP B 118 20.09 0.59 18.34
CA ASP B 118 19.90 1.99 18.75
C ASP B 118 19.01 2.77 17.80
N GLU B 119 19.28 2.68 16.50
CA GLU B 119 18.42 3.29 15.48
C GLU B 119 17.01 2.69 15.55
N GLY B 120 16.93 1.36 15.68
CA GLY B 120 15.67 0.66 15.75
C GLY B 120 14.81 1.09 16.92
N ILE B 121 15.46 1.19 18.09
CA ILE B 121 14.80 1.62 19.32
C ILE B 121 14.24 3.03 19.18
N GLN B 122 15.08 3.95 18.70
CA GLN B 122 14.66 5.32 18.38
C GLN B 122 13.42 5.35 17.49
N TYR B 123 13.36 4.48 16.46
CA TYR B 123 12.14 4.40 15.64
C TYR B 123 10.96 3.71 16.31
N TRP B 124 11.21 2.63 17.07
CA TRP B 124 10.14 2.05 17.86
C TRP B 124 9.47 3.07 18.80
N LYS B 125 10.25 3.97 19.41
CA LYS B 125 9.68 5.01 20.26
C LYS B 125 8.69 5.90 19.50
N LEU B 126 8.94 6.11 18.20
CA LEU B 126 8.04 6.90 17.39
C LEU B 126 6.76 6.15 17.06
N PHE B 127 6.92 4.93 16.55
CA PHE B 127 5.78 4.09 16.16
C PHE B 127 4.83 3.72 17.30
N PHE B 128 5.34 3.55 18.53
CA PHE B 128 4.51 3.07 19.62
C PHE B 128 3.98 4.16 20.55
N GLN B 129 3.77 5.35 20.00
CA GLN B 129 3.16 6.45 20.71
C GLN B 129 1.66 6.18 20.79
N PRO B 130 1.02 6.54 21.92
CA PRO B 130 -0.38 6.17 22.19
C PRO B 130 -1.39 6.69 21.16
N GLU B 131 -0.98 7.64 20.32
CA GLU B 131 -1.82 8.18 19.24
C GLU B 131 -1.92 7.16 18.08
N TYR B 132 -0.96 6.22 18.03
CA TYR B 132 -0.90 5.20 16.99
C TYR B 132 -1.64 3.90 17.37
N PRO B 133 -2.08 3.12 16.37
CA PRO B 133 -3.12 2.09 16.58
C PRO B 133 -2.70 0.79 17.27
N VAL B 134 -1.40 0.55 17.41
CA VAL B 134 -0.92 -0.59 18.19
C VAL B 134 -0.46 -0.12 19.57
N ARG B 135 -1.32 -0.31 20.57
CA ARG B 135 -1.09 0.19 21.91
C ARG B 135 -0.75 -0.94 22.90
N MET B 136 0.25 -0.72 23.75
CA MET B 136 0.65 -1.75 24.71
C MET B 136 1.10 -1.12 26.01
N GLU B 137 1.24 -1.96 27.04
CA GLU B 137 1.75 -1.51 28.33
C GLU B 137 3.10 -0.82 28.15
N PRO B 138 3.26 0.39 28.74
CA PRO B 138 4.56 1.10 28.68
C PRO B 138 5.71 0.27 29.28
N ASP B 139 5.45 -0.43 30.38
CA ASP B 139 6.44 -1.31 31.02
C ASP B 139 6.95 -2.39 30.06
N LEU B 140 6.05 -2.89 29.21
CA LEU B 140 6.40 -3.91 28.23
C LEU B 140 7.35 -3.40 27.16
N LEU B 141 7.04 -2.23 26.61
CA LEU B 141 7.94 -1.61 25.64
C LEU B 141 9.29 -1.32 26.29
N GLU B 142 9.27 -0.75 27.48
CA GLU B 142 10.53 -0.53 28.20
C GLU B 142 11.30 -1.84 28.46
N ALA B 143 10.59 -2.90 28.88
CA ALA B 143 11.25 -4.19 29.10
C ALA B 143 11.92 -4.73 27.81
N TRP B 144 11.30 -4.47 26.65
CA TRP B 144 11.82 -4.88 25.37
C TRP B 144 13.12 -4.14 25.04
N PHE B 145 13.08 -2.81 25.11
CA PHE B 145 14.31 -2.01 24.95
C PHE B 145 15.41 -2.45 25.90
N ARG B 146 15.06 -2.62 27.17
CA ARG B 146 16.05 -3.02 28.19
C ARG B 146 16.66 -4.38 27.88
N PHE B 147 15.80 -5.32 27.47
CA PHE B 147 16.24 -6.67 27.12
C PHE B 147 17.33 -6.60 26.05
N LEU B 148 17.04 -5.88 24.96
CA LEU B 148 17.94 -5.79 23.82
C LEU B 148 19.30 -5.22 24.22
N ARG B 149 19.27 -4.17 25.05
CA ARG B 149 20.50 -3.57 25.58
C ARG B 149 21.27 -4.50 26.52
N ASP B 150 20.59 -4.98 27.56
CA ASP B 150 21.24 -5.86 28.55
C ASP B 150 21.82 -7.15 27.95
N GLU B 151 21.17 -7.70 26.94
CA GLU B 151 21.60 -8.99 26.35
C GLU B 151 22.52 -8.85 25.13
N GLY B 152 22.91 -7.62 24.82
CA GLY B 152 23.82 -7.34 23.70
C GLY B 152 23.27 -7.59 22.30
N LYS B 153 21.97 -7.34 22.10
CA LYS B 153 21.39 -7.45 20.76
C LYS B 153 21.65 -6.14 20.06
N THR B 154 22.72 -6.12 19.26
CA THR B 154 23.17 -4.88 18.62
C THR B 154 22.52 -4.67 17.25
N THR B 155 21.83 -5.68 16.75
CA THR B 155 21.13 -5.59 15.47
C THR B 155 19.74 -6.24 15.51
N ILE B 156 18.85 -5.74 14.66
CA ILE B 156 17.49 -6.25 14.52
C ILE B 156 17.27 -6.66 13.08
N SER B 157 16.84 -7.90 12.88
CA SER B 157 16.57 -8.44 11.56
C SER B 157 15.18 -8.02 11.09
N LYS B 158 14.95 -8.09 9.78
CA LYS B 158 13.65 -7.76 9.19
C LYS B 158 12.51 -8.59 9.79
N ASP B 159 12.76 -9.88 9.99
CA ASP B 159 11.76 -10.79 10.54
C ASP B 159 11.33 -10.36 11.93
N THR B 160 12.31 -10.06 12.78
CA THR B 160 12.03 -9.57 14.12
C THR B 160 11.23 -8.28 14.05
N TRP B 161 11.69 -7.36 13.21
CA TRP B 161 11.05 -6.07 13.06
C TRP B 161 9.61 -6.26 12.60
N ARG B 162 9.39 -7.00 11.53
CA ARG B 162 8.04 -7.23 11.02
C ARG B 162 7.14 -7.95 12.03
N MET B 163 7.68 -8.95 12.73
CA MET B 163 6.85 -9.79 13.61
C MET B 163 6.42 -9.10 14.91
N LEU B 164 7.17 -8.08 15.31
CA LEU B 164 6.96 -7.43 16.61
C LEU B 164 5.61 -6.73 16.71
N LEU B 165 5.03 -6.39 15.56
CA LEU B 165 3.75 -5.72 15.51
C LEU B 165 2.64 -6.68 15.90
N LEU B 166 2.64 -7.88 15.30
CA LEU B 166 1.72 -8.95 15.70
C LEU B 166 1.94 -9.33 17.15
N PHE B 167 3.20 -9.48 17.52
CA PHE B 167 3.58 -9.78 18.90
C PHE B 167 2.90 -8.86 19.91
N PHE B 168 2.97 -7.54 19.68
CA PHE B 168 2.47 -6.55 20.62
C PHE B 168 0.96 -6.42 20.63
N LYS B 169 0.33 -6.66 19.48
CA LYS B 169 -1.12 -6.72 19.42
C LYS B 169 -1.62 -7.99 20.12
N ARG B 170 -0.94 -9.12 19.89
CA ARG B 170 -1.28 -10.39 20.53
C ARG B 170 -0.99 -10.42 22.04
N TYR B 171 0.11 -9.79 22.47
CA TYR B 171 0.42 -9.69 23.92
C TYR B 171 0.77 -8.26 24.30
N PRO B 172 -0.25 -7.47 24.70
CA PRO B 172 -0.06 -6.06 25.04
C PRO B 172 0.61 -5.85 26.39
N THR B 173 0.65 -6.89 27.22
CA THR B 173 1.28 -6.78 28.54
C THR B 173 2.32 -7.88 28.80
N ILE B 174 3.25 -7.58 29.70
CA ILE B 174 4.22 -8.56 30.19
C ILE B 174 3.51 -9.81 30.71
N GLN B 175 2.47 -9.61 31.52
CA GLN B 175 1.74 -10.73 32.11
C GLN B 175 1.02 -11.59 31.08
N LYS B 176 0.54 -10.98 30.00
CA LYS B 176 -0.07 -11.72 28.90
C LYS B 176 0.97 -12.63 28.20
N ILE B 177 2.20 -12.16 28.10
CA ILE B 177 3.28 -12.97 27.53
C ILE B 177 3.54 -14.18 28.44
N ILE B 178 3.69 -13.91 29.75
CA ILE B 178 3.94 -14.95 30.74
C ILE B 178 2.86 -16.03 30.66
N SER B 179 1.61 -15.60 30.52
CA SER B 179 0.52 -16.56 30.62
C SER B 179 0.16 -17.27 29.31
N ASP B 180 0.43 -16.65 28.16
CA ASP B 180 0.03 -17.23 26.86
C ASP B 180 1.15 -17.68 25.93
N TYR B 181 2.34 -17.07 26.05
CA TYR B 181 3.38 -17.26 25.02
C TYR B 181 3.85 -18.70 24.90
N ASP B 182 3.89 -19.20 23.67
CA ASP B 182 4.43 -20.53 23.39
C ASP B 182 5.72 -20.48 22.56
N GLU B 183 6.81 -20.95 23.17
CA GLU B 183 8.12 -21.01 22.51
C GLU B 183 8.22 -21.92 21.30
N THR B 184 7.23 -22.81 21.12
CA THR B 184 7.24 -23.78 20.03
C THR B 184 6.42 -23.28 18.84
N ALA B 185 5.96 -22.04 18.91
CA ALA B 185 5.37 -21.41 17.75
C ALA B 185 6.52 -20.97 16.82
N ALA B 186 6.19 -20.26 15.76
CA ALA B 186 7.19 -19.87 14.79
C ALA B 186 7.63 -18.40 14.94
N TRP B 187 7.76 -17.94 16.19
CA TRP B 187 8.25 -16.58 16.46
C TRP B 187 9.75 -16.53 16.19
N PRO B 188 10.29 -15.33 15.88
CA PRO B 188 11.76 -15.17 15.79
C PRO B 188 12.45 -15.60 17.09
N PHE B 189 13.64 -16.18 16.97
CA PHE B 189 14.36 -16.76 18.11
C PHE B 189 14.65 -15.75 19.21
N ILE B 190 14.83 -14.49 18.81
CA ILE B 190 15.10 -13.41 19.75
C ILE B 190 13.85 -13.10 20.58
N ILE B 191 12.68 -13.25 19.97
CA ILE B 191 11.43 -13.13 20.74
C ILE B 191 11.32 -14.26 21.78
N ASP B 192 11.84 -15.44 21.44
CA ASP B 192 11.87 -16.54 22.41
C ASP B 192 12.76 -16.18 23.58
N GLU B 193 13.93 -15.61 23.28
CA GLU B 193 14.84 -15.11 24.30
C GLU B 193 14.17 -14.06 25.20
N PHE B 194 13.42 -13.15 24.59
CA PHE B 194 12.73 -12.10 25.35
C PHE B 194 11.76 -12.73 26.36
N TYR B 195 11.03 -13.75 25.90
CA TYR B 195 10.12 -14.49 26.78
C TYR B 195 10.83 -15.12 27.98
N GLU B 196 11.89 -15.87 27.73
CA GLU B 196 12.71 -16.47 28.78
C GLU B 196 13.22 -15.45 29.80
N CYS B 197 13.72 -14.33 29.29
CA CYS B 197 14.18 -13.20 30.11
CA CYS B 197 14.18 -13.24 30.15
C CYS B 197 13.07 -12.66 31.02
N LEU B 198 11.87 -12.45 30.44
CA LEU B 198 10.72 -12.03 31.23
C LEU B 198 10.31 -13.12 32.24
N GLN B 199 10.40 -14.37 31.81
CA GLN B 199 10.08 -15.50 32.68
C GLN B 199 10.99 -15.50 33.91
N ASP B 200 12.30 -15.28 33.71
CA ASP B 200 13.25 -15.13 34.82
C ASP B 200 12.89 -14.01 35.78
N GLN B 201 12.52 -12.83 35.27
CA GLN B 201 12.32 -11.67 36.13
C GLN B 201 10.91 -11.55 36.75
N GLN B 202 10.29 -12.71 36.98
CA GLN B 202 8.99 -12.78 37.66
C GLN B 202 9.18 -12.80 39.18
N MET C 2 -12.82 -10.39 -9.42
CA MET C 2 -11.94 -11.55 -9.57
C MET C 2 -12.24 -12.30 -10.85
N LEU C 3 -12.37 -11.79 -12.07
CA LEU C 3 -12.85 -12.39 -13.35
C LEU C 3 -11.83 -13.39 -13.91
N LYS C 4 -10.63 -13.34 -13.35
CA LYS C 4 -9.50 -14.17 -13.75
C LYS C 4 -9.56 -15.53 -13.04
N LEU C 5 -10.16 -15.53 -11.84
CA LEU C 5 -10.24 -16.73 -10.98
C LEU C 5 -10.86 -17.94 -11.66
N ARG C 6 -11.94 -17.70 -12.41
CA ARG C 6 -12.60 -18.73 -13.21
C ARG C 6 -11.66 -19.52 -14.11
N GLN C 7 -10.89 -18.81 -14.93
CA GLN C 7 -9.96 -19.42 -15.89
C GLN C 7 -8.88 -20.21 -15.15
N LEU C 8 -8.39 -19.63 -14.05
CA LEU C 8 -7.37 -20.26 -13.22
C LEU C 8 -7.88 -21.54 -12.57
N GLN C 9 -9.18 -21.59 -12.27
CA GLN C 9 -9.84 -22.82 -11.82
C GLN C 9 -9.83 -23.90 -12.90
N LYS C 10 -10.21 -23.52 -14.12
CA LYS C 10 -10.22 -24.44 -15.26
C LYS C 10 -8.81 -24.90 -15.64
N LYS C 11 -7.82 -24.04 -15.41
CA LYS C 11 -6.40 -24.38 -15.61
C LYS C 11 -5.90 -25.42 -14.59
N LYS C 12 -6.31 -25.26 -13.33
CA LYS C 12 -5.92 -26.17 -12.25
C LYS C 12 -6.29 -27.63 -12.54
N GLN C 13 -7.49 -27.86 -13.06
CA GLN C 13 -7.96 -29.20 -13.41
C GLN C 13 -7.11 -29.84 -14.52
N LYS C 14 -6.63 -29.00 -15.44
CA LYS C 14 -5.82 -29.45 -16.57
C LYS C 14 -4.32 -29.29 -16.31
N MET D 2 11.85 10.38 9.95
CA MET D 2 13.03 10.67 9.16
C MET D 2 14.22 11.02 10.04
N LEU D 3 14.49 10.48 11.23
CA LEU D 3 15.66 10.64 12.14
C LEU D 3 16.96 10.24 11.45
N LYS D 4 16.88 9.17 10.65
CA LYS D 4 17.99 8.68 9.84
C LYS D 4 18.54 9.77 8.93
N LEU D 5 17.63 10.59 8.39
CA LEU D 5 17.99 11.68 7.49
C LEU D 5 18.93 12.68 8.17
N ARG D 6 18.63 13.00 9.43
CA ARG D 6 19.48 13.91 10.22
C ARG D 6 20.84 13.28 10.53
N GLN D 7 20.82 11.98 10.85
CA GLN D 7 22.06 11.24 11.07
C GLN D 7 22.99 11.35 9.85
N LEU D 8 22.42 11.14 8.66
CA LEU D 8 23.15 11.23 7.40
C LEU D 8 23.77 12.61 7.14
N GLN D 9 23.08 13.66 7.62
CA GLN D 9 23.58 15.02 7.55
C GLN D 9 24.88 15.18 8.35
N LYS D 10 24.88 14.67 9.59
CA LYS D 10 26.05 14.72 10.48
C LYS D 10 27.25 13.95 9.91
N LYS D 11 26.97 12.83 9.24
CA LYS D 11 27.99 12.00 8.60
C LYS D 11 28.62 12.69 7.38
N LYS D 12 27.79 13.37 6.58
CA LYS D 12 28.27 14.12 5.43
C LYS D 12 29.02 15.41 5.82
N GLN D 13 28.70 15.96 6.99
CA GLN D 13 29.32 17.18 7.50
C GLN D 13 30.49 16.85 8.45
#